data_4W2P
#
_entry.id   4W2P
#
_cell.length_a   33.392
_cell.length_b   49.506
_cell.length_c   65.406
_cell.angle_alpha   87.74
_cell.angle_beta   84.77
_cell.angle_gamma   79.41
#
_symmetry.space_group_name_H-M   'P 1'
#
loop_
_entity.id
_entity.type
_entity.pdbx_description
1 polymer 'Anti-Marburgvirus Nucleoprotein Single Domain Antibody C'
2 non-polymer 'SODIUM ION'
3 non-polymer 'ACETATE ION'
4 water water
#
_entity_poly.entity_id   1
_entity_poly.type   'polypeptide(L)'
_entity_poly.pdbx_seq_one_letter_code
;KVQLQESGGGLVQVGGSLRLSCKASGFTFRSSAMGWYRRAPGKQRELVASLTTTGTADYGDFVKGRFTISRDNAENTVDL
HMNSLKPEDTAVYYCHEDPYGMESLRYWGQGTQVTVSSAAAHHHHHH
;
_entity_poly.pdbx_strand_id   A,B,C,D
#
# COMPACT_ATOMS: atom_id res chain seq x y z
N VAL A 2 16.23 -12.53 -7.96
CA VAL A 2 15.61 -12.80 -9.25
C VAL A 2 14.45 -11.84 -9.44
N GLN A 3 14.51 -11.05 -10.50
CA GLN A 3 13.44 -10.16 -10.90
C GLN A 3 13.12 -10.48 -12.35
N LEU A 4 11.83 -10.61 -12.66
CA LEU A 4 11.39 -10.94 -14.00
C LEU A 4 11.20 -9.62 -14.75
N GLN A 5 10.92 -9.70 -16.05
CA GLN A 5 10.88 -8.50 -16.89
C GLN A 5 9.66 -8.52 -17.80
N GLU A 6 8.67 -7.68 -17.48
CA GLU A 6 7.45 -7.51 -18.26
C GLU A 6 7.74 -6.68 -19.51
N SER A 7 6.91 -6.90 -20.55
CA SER A 7 6.81 -6.00 -21.70
C SER A 7 5.37 -6.04 -22.21
N GLY A 8 5.05 -5.08 -23.08
CA GLY A 8 3.76 -5.07 -23.76
C GLY A 8 2.72 -4.15 -23.17
N GLY A 9 3.01 -3.51 -22.06
CA GLY A 9 2.10 -2.54 -21.47
C GLY A 9 2.10 -1.22 -22.23
N GLY A 10 1.43 -0.24 -21.63
CA GLY A 10 1.32 1.09 -22.19
C GLY A 10 -0.13 1.48 -22.40
N LEU A 11 -0.33 2.39 -23.34
CA LEU A 11 -1.66 2.88 -23.66
C LEU A 11 -2.36 1.96 -24.65
N VAL A 12 -3.66 1.79 -24.46
CA VAL A 12 -4.46 0.96 -25.34
C VAL A 12 -5.90 1.48 -25.32
N GLN A 13 -6.54 1.45 -26.47
CA GLN A 13 -7.89 1.96 -26.54
C GLN A 13 -8.87 1.02 -25.84
N VAL A 14 -10.00 1.58 -25.40
CA VAL A 14 -11.06 0.72 -24.88
C VAL A 14 -11.51 -0.21 -25.99
N GLY A 15 -11.70 -1.48 -25.67
CA GLY A 15 -11.99 -2.49 -26.66
C GLY A 15 -10.77 -3.05 -27.36
N GLY A 16 -9.59 -2.45 -27.16
CA GLY A 16 -8.37 -2.86 -27.83
C GLY A 16 -7.72 -4.09 -27.19
N SER A 17 -6.56 -4.49 -27.73
CA SER A 17 -5.88 -5.71 -27.31
CA SER A 17 -5.87 -5.72 -27.34
C SER A 17 -4.44 -5.42 -26.94
N LEU A 18 -3.89 -6.32 -26.12
CA LEU A 18 -2.51 -6.24 -25.66
C LEU A 18 -1.90 -7.63 -25.70
N ARG A 19 -0.59 -7.69 -25.86
CA ARG A 19 0.18 -8.91 -25.73
C ARG A 19 1.22 -8.65 -24.65
N LEU A 20 0.93 -9.09 -23.42
CA LEU A 20 1.87 -8.91 -22.34
C LEU A 20 2.81 -10.11 -22.34
N SER A 21 4.08 -9.83 -22.09
CA SER A 21 5.10 -10.87 -22.04
C SER A 21 5.93 -10.68 -20.79
N CYS A 22 6.53 -11.77 -20.34
CA CYS A 22 7.38 -11.73 -19.16
C CYS A 22 8.55 -12.67 -19.36
N LYS A 23 9.76 -12.12 -19.32
CA LYS A 23 10.98 -12.91 -19.36
C LYS A 23 11.19 -13.46 -17.95
N ALA A 24 11.09 -14.79 -17.82
CA ALA A 24 11.13 -15.48 -16.53
C ALA A 24 12.60 -15.73 -16.13
N SER A 25 12.84 -16.63 -15.16
CA SER A 25 14.17 -16.80 -14.61
C SER A 25 15.13 -17.45 -15.59
N GLY A 26 14.59 -18.26 -16.50
CA GLY A 26 15.40 -19.07 -17.38
C GLY A 26 15.71 -20.46 -16.86
N PHE A 27 15.24 -20.81 -15.66
CA PHE A 27 15.56 -22.11 -15.06
C PHE A 27 14.56 -23.16 -15.56
N THR A 28 14.67 -23.47 -16.85
CA THR A 28 13.77 -24.45 -17.41
C THR A 28 14.15 -25.88 -17.02
N PHE A 29 15.22 -26.06 -16.25
CA PHE A 29 15.56 -27.37 -15.70
C PHE A 29 14.66 -27.77 -14.55
N ARG A 30 13.75 -26.90 -14.11
CA ARG A 30 12.82 -27.25 -13.07
C ARG A 30 11.49 -26.58 -13.35
N SER A 31 10.43 -27.27 -12.93
CA SER A 31 9.06 -26.84 -13.12
C SER A 31 8.75 -25.59 -12.31
N SER A 32 7.69 -24.89 -12.72
CA SER A 32 7.28 -23.66 -12.04
C SER A 32 5.84 -23.33 -12.38
N ALA A 33 5.19 -22.62 -11.47
CA ALA A 33 3.96 -21.93 -11.80
C ALA A 33 4.30 -20.50 -12.20
N MET A 34 3.54 -19.95 -13.13
CA MET A 34 3.76 -18.59 -13.60
C MET A 34 2.41 -17.92 -13.76
N GLY A 35 2.41 -16.59 -13.68
CA GLY A 35 1.14 -15.91 -13.76
C GLY A 35 1.30 -14.41 -13.75
N TRP A 36 0.15 -13.77 -13.64
CA TRP A 36 0.01 -12.33 -13.76
C TRP A 36 -0.93 -11.85 -12.67
N TYR A 37 -0.51 -10.84 -11.94
CA TYR A 37 -1.34 -10.09 -11.01
C TYR A 37 -1.45 -8.66 -11.50
N ARG A 38 -2.37 -7.90 -10.90
CA ARG A 38 -2.40 -6.48 -11.16
C ARG A 38 -2.71 -5.72 -9.88
N ARG A 39 -2.31 -4.46 -9.85
CA ARG A 39 -2.61 -3.62 -8.72
C ARG A 39 -2.95 -2.23 -9.23
N ALA A 40 -4.11 -1.79 -8.91
CA ALA A 40 -4.59 -0.45 -9.17
C ALA A 40 -4.26 0.45 -7.98
N PRO A 41 -4.04 1.75 -8.23
CA PRO A 41 -3.65 2.65 -7.14
C PRO A 41 -4.51 2.50 -5.90
N GLY A 42 -3.85 2.24 -4.76
CA GLY A 42 -4.52 2.14 -3.49
C GLY A 42 -5.30 0.87 -3.27
N LYS A 43 -5.50 0.06 -4.31
CA LYS A 43 -6.30 -1.15 -4.18
C LYS A 43 -5.40 -2.35 -3.87
N GLN A 44 -6.04 -3.44 -3.50
CA GLN A 44 -5.33 -4.68 -3.25
C GLN A 44 -4.94 -5.32 -4.57
N ARG A 45 -3.77 -5.96 -4.57
CA ARG A 45 -3.37 -6.82 -5.68
C ARG A 45 -4.40 -7.91 -5.92
N GLU A 46 -4.66 -8.24 -7.19
CA GLU A 46 -5.59 -9.31 -7.52
C GLU A 46 -5.01 -10.16 -8.64
N LEU A 47 -5.39 -11.44 -8.59
CA LEU A 47 -4.94 -12.40 -9.58
C LEU A 47 -5.65 -12.13 -10.88
N VAL A 48 -4.87 -12.05 -11.95
CA VAL A 48 -5.42 -11.94 -13.31
C VAL A 48 -5.45 -13.31 -13.98
N ALA A 49 -4.32 -14.00 -14.00
CA ALA A 49 -4.21 -15.30 -14.66
C ALA A 49 -2.99 -16.03 -14.16
N SER A 50 -3.10 -17.36 -14.06
CA SER A 50 -1.95 -18.14 -13.65
C SER A 50 -2.01 -19.53 -14.27
N LEU A 51 -0.85 -20.16 -14.29
CA LEU A 51 -0.64 -21.52 -14.78
C LEU A 51 0.12 -22.28 -13.72
N THR A 52 -0.41 -23.44 -13.33
CA THR A 52 0.31 -24.31 -12.41
C THR A 52 1.52 -24.94 -13.10
N THR A 53 2.32 -25.68 -12.30
CA THR A 53 3.46 -26.39 -12.85
C THR A 53 3.06 -27.27 -14.02
N THR A 54 1.84 -27.77 -13.99
CA THR A 54 1.35 -28.68 -15.00
C THR A 54 0.52 -28.00 -16.09
N GLY A 55 0.41 -26.67 -16.04
CA GLY A 55 -0.30 -25.93 -17.06
C GLY A 55 -1.79 -25.74 -16.83
N THR A 56 -2.30 -26.03 -15.63
CA THR A 56 -3.69 -25.69 -15.31
C THR A 56 -3.85 -24.17 -15.16
N ALA A 57 -4.85 -23.61 -15.86
CA ALA A 57 -5.07 -22.17 -15.87
C ALA A 57 -6.15 -21.77 -14.87
N ASP A 58 -5.94 -20.60 -14.25
CA ASP A 58 -6.93 -19.95 -13.41
C ASP A 58 -6.96 -18.49 -13.82
N TYR A 59 -8.15 -17.88 -13.82
CA TYR A 59 -8.33 -16.49 -14.22
C TYR A 59 -9.13 -15.75 -13.15
N GLY A 60 -8.78 -14.49 -12.92
CA GLY A 60 -9.60 -13.66 -12.05
C GLY A 60 -11.03 -13.54 -12.56
N ASP A 61 -11.95 -13.27 -11.63
CA ASP A 61 -13.35 -13.28 -12.00
C ASP A 61 -13.70 -12.18 -13.02
N PHE A 62 -13.00 -11.06 -12.95
CA PHE A 62 -13.19 -9.94 -13.88
C PHE A 62 -12.75 -10.26 -15.31
N VAL A 63 -12.04 -11.38 -15.54
CA VAL A 63 -11.50 -11.64 -16.87
C VAL A 63 -12.62 -11.93 -17.87
N LYS A 64 -13.56 -12.80 -17.49
CA LYS A 64 -14.76 -13.08 -18.29
C LYS A 64 -14.42 -13.48 -19.72
N GLY A 65 -13.45 -14.39 -19.86
CA GLY A 65 -13.05 -14.94 -21.15
C GLY A 65 -12.23 -14.05 -22.05
N ARG A 66 -11.86 -12.85 -21.62
CA ARG A 66 -11.22 -11.90 -22.51
C ARG A 66 -9.73 -12.07 -22.62
N PHE A 67 -9.08 -12.70 -21.63
CA PHE A 67 -7.63 -12.87 -21.59
C PHE A 67 -7.28 -14.33 -21.65
N THR A 68 -6.12 -14.63 -22.25
CA THR A 68 -5.60 -15.99 -22.32
C THR A 68 -4.14 -16.00 -21.90
N ILE A 69 -3.81 -16.88 -20.96
CA ILE A 69 -2.44 -17.04 -20.49
C ILE A 69 -1.81 -18.23 -21.20
N SER A 70 -0.54 -18.08 -21.55
CA SER A 70 0.24 -19.16 -22.15
C SER A 70 1.69 -19.00 -21.71
N ARG A 71 2.46 -20.07 -21.90
CA ARG A 71 3.87 -20.05 -21.54
C ARG A 71 4.69 -20.66 -22.66
N ASP A 72 5.87 -20.09 -22.88
CA ASP A 72 6.78 -20.51 -23.94
C ASP A 72 8.11 -20.89 -23.29
N ASN A 73 8.32 -22.19 -23.07
CA ASN A 73 9.54 -22.65 -22.42
C ASN A 73 10.74 -22.61 -23.36
N ALA A 74 10.52 -22.67 -24.67
CA ALA A 74 11.60 -22.46 -25.62
C ALA A 74 12.13 -21.03 -25.55
N GLU A 75 11.29 -20.08 -25.14
CA GLU A 75 11.66 -18.68 -25.08
C GLU A 75 11.66 -18.11 -23.66
N ASN A 76 11.42 -18.93 -22.63
CA ASN A 76 11.52 -18.45 -21.24
C ASN A 76 10.51 -17.35 -20.95
N THR A 77 9.27 -17.49 -21.41
CA THR A 77 8.28 -16.43 -21.20
C THR A 77 6.97 -16.98 -20.67
N VAL A 78 6.24 -16.12 -19.96
CA VAL A 78 4.81 -16.30 -19.73
C VAL A 78 4.12 -15.09 -20.34
N ASP A 79 3.07 -15.35 -21.10
CA ASP A 79 2.42 -14.33 -21.90
C ASP A 79 0.95 -14.24 -21.54
N LEU A 80 0.42 -13.03 -21.67
CA LEU A 80 -0.99 -12.77 -21.44
C LEU A 80 -1.54 -12.02 -22.66
N HIS A 81 -2.45 -12.66 -23.37
CA HIS A 81 -3.13 -12.07 -24.52
C HIS A 81 -4.43 -11.50 -24.00
N MET A 82 -4.57 -10.19 -24.06
CA MET A 82 -5.73 -9.51 -23.50
C MET A 82 -6.51 -8.88 -24.63
N ASN A 83 -7.79 -9.24 -24.75
CA ASN A 83 -8.72 -8.62 -25.67
C ASN A 83 -9.75 -7.81 -24.88
N SER A 84 -10.46 -6.94 -25.59
CA SER A 84 -11.60 -6.22 -25.03
C SER A 84 -11.26 -5.50 -23.72
N LEU A 85 -10.19 -4.71 -23.74
CA LEU A 85 -9.77 -4.00 -22.54
C LEU A 85 -10.77 -2.91 -22.15
N LYS A 86 -10.99 -2.76 -20.84
CA LYS A 86 -11.94 -1.82 -20.27
C LYS A 86 -11.20 -0.80 -19.41
N PRO A 87 -11.77 0.40 -19.21
CA PRO A 87 -11.12 1.35 -18.31
C PRO A 87 -10.75 0.73 -16.96
N GLU A 88 -11.60 -0.16 -16.43
CA GLU A 88 -11.39 -0.80 -15.14
C GLU A 88 -10.20 -1.76 -15.15
N ASP A 89 -9.68 -2.10 -16.32
CA ASP A 89 -8.47 -2.90 -16.38
C ASP A 89 -7.21 -2.10 -16.17
N THR A 90 -7.31 -0.77 -16.05
CA THR A 90 -6.13 0.07 -15.87
C THR A 90 -5.47 -0.23 -14.53
N ALA A 91 -4.18 -0.52 -14.56
CA ALA A 91 -3.46 -0.99 -13.38
C ALA A 91 -2.02 -1.28 -13.78
N VAL A 92 -1.18 -1.46 -12.76
CA VAL A 92 0.14 -2.06 -12.97
C VAL A 92 0.02 -3.58 -12.97
N TYR A 93 0.53 -4.21 -14.02
CA TYR A 93 0.50 -5.66 -14.18
C TYR A 93 1.88 -6.25 -13.85
N TYR A 94 1.90 -7.28 -12.99
CA TYR A 94 3.12 -7.91 -12.50
C TYR A 94 3.10 -9.39 -12.88
N CYS A 95 4.15 -9.87 -13.54
CA CYS A 95 4.26 -11.30 -13.70
C CYS A 95 4.95 -11.93 -12.50
N HIS A 96 4.84 -13.25 -12.39
CA HIS A 96 5.48 -13.96 -11.28
C HIS A 96 5.87 -15.35 -11.73
N GLU A 97 6.90 -15.90 -11.09
CA GLU A 97 7.30 -17.29 -11.25
C GLU A 97 7.47 -17.91 -9.87
N ASP A 98 6.89 -19.10 -9.68
CA ASP A 98 6.95 -19.84 -8.42
C ASP A 98 7.77 -21.10 -8.65
N PRO A 99 9.04 -21.11 -8.26
CA PRO A 99 9.85 -22.33 -8.44
C PRO A 99 9.20 -23.55 -7.80
N TYR A 100 9.12 -24.63 -8.59
CA TYR A 100 8.50 -25.87 -8.14
C TYR A 100 7.05 -25.67 -7.73
N GLY A 101 6.43 -24.58 -8.17
CA GLY A 101 5.10 -24.26 -7.75
C GLY A 101 5.00 -23.69 -6.35
N MET A 102 6.12 -23.32 -5.73
N MET A 102 6.12 -23.32 -5.73
CA MET A 102 6.12 -22.85 -4.36
CA MET A 102 6.12 -22.87 -4.35
C MET A 102 5.96 -21.34 -4.35
C MET A 102 5.97 -21.35 -4.32
N GLU A 103 4.79 -20.87 -3.93
CA GLU A 103 4.54 -19.44 -3.78
C GLU A 103 5.48 -18.81 -2.76
N SER A 104 5.99 -19.62 -1.84
CA SER A 104 6.92 -19.09 -0.85
C SER A 104 8.23 -18.60 -1.46
N LEU A 105 8.58 -19.09 -2.65
CA LEU A 105 9.81 -18.70 -3.33
C LEU A 105 9.53 -17.79 -4.52
N ARG A 106 8.35 -17.18 -4.55
CA ARG A 106 7.88 -16.42 -5.69
C ARG A 106 8.86 -15.35 -6.12
N TYR A 107 9.15 -15.33 -7.42
CA TYR A 107 9.82 -14.22 -8.08
C TYR A 107 8.78 -13.31 -8.73
N TRP A 108 9.01 -12.02 -8.63
CA TRP A 108 8.13 -11.02 -9.22
C TRP A 108 8.86 -10.23 -10.30
N GLY A 109 8.08 -9.76 -11.27
CA GLY A 109 8.55 -8.72 -12.16
C GLY A 109 8.52 -7.35 -11.50
N GLN A 110 8.91 -6.36 -12.27
CA GLN A 110 8.92 -4.96 -11.85
C GLN A 110 7.58 -4.27 -12.05
N GLY A 111 6.69 -4.88 -12.77
CA GLY A 111 5.42 -4.27 -13.08
C GLY A 111 5.49 -3.44 -14.35
N THR A 112 4.41 -3.44 -15.10
CA THR A 112 4.27 -2.53 -16.20
C THR A 112 2.86 -1.96 -16.23
N GLN A 113 2.78 -0.66 -16.47
CA GLN A 113 1.53 0.07 -16.44
C GLN A 113 0.73 -0.27 -17.69
N VAL A 114 -0.55 -0.56 -17.50
CA VAL A 114 -1.51 -0.66 -18.59
C VAL A 114 -2.54 0.44 -18.37
N THR A 115 -2.67 1.33 -19.35
CA THR A 115 -3.62 2.42 -19.29
C THR A 115 -4.62 2.32 -20.42
N VAL A 116 -5.89 2.11 -20.08
CA VAL A 116 -6.92 1.87 -21.06
C VAL A 116 -7.72 3.16 -21.22
N SER A 117 -7.53 3.81 -22.36
CA SER A 117 -8.12 5.11 -22.66
C SER A 117 -8.11 5.29 -24.17
N SER A 118 -9.28 5.37 -24.78
CA SER A 118 -9.32 5.48 -26.24
C SER A 118 -8.73 6.79 -26.72
N ALA A 119 -9.09 7.90 -26.07
CA ALA A 119 -8.58 9.18 -26.53
C ALA A 119 -7.06 9.26 -26.36
N ALA A 120 -6.54 8.79 -25.22
CA ALA A 120 -5.09 8.80 -25.02
C ALA A 120 -4.38 7.87 -26.00
N ALA A 121 -4.92 6.67 -26.21
CA ALA A 121 -4.27 5.73 -27.13
C ALA A 121 -4.30 6.24 -28.55
N HIS A 122 -5.42 6.82 -28.98
CA HIS A 122 -5.48 7.37 -30.34
C HIS A 122 -4.47 8.49 -30.53
N HIS A 123 -4.29 9.32 -29.51
CA HIS A 123 -3.33 10.42 -29.59
C HIS A 123 -1.90 9.87 -29.65
N HIS A 124 -1.57 8.98 -28.71
CA HIS A 124 -0.21 8.50 -28.57
C HIS A 124 0.20 7.60 -29.73
N HIS A 125 -0.71 6.76 -30.22
CA HIS A 125 -0.37 5.83 -31.30
C HIS A 125 -0.58 6.41 -32.68
N HIS A 126 -0.94 7.69 -32.76
CA HIS A 126 -1.04 8.45 -34.02
C HIS A 126 -2.12 7.90 -34.93
N HIS A 127 -3.15 7.33 -34.34
CA HIS A 127 -4.24 6.76 -35.13
C HIS A 127 -4.96 7.77 -36.00
N LYS B 1 -21.40 -13.23 2.12
CA LYS B 1 -20.36 -13.94 1.33
C LYS B 1 -19.80 -15.10 2.14
N VAL B 2 -19.19 -16.07 1.45
CA VAL B 2 -18.57 -17.19 2.15
C VAL B 2 -17.37 -16.68 2.95
N GLN B 3 -17.22 -17.20 4.16
CA GLN B 3 -16.16 -16.84 5.07
C GLN B 3 -15.78 -18.08 5.89
N LEU B 4 -14.55 -18.09 6.36
CA LEU B 4 -14.12 -19.08 7.33
C LEU B 4 -14.15 -18.46 8.74
N GLN B 5 -14.34 -19.32 9.74
CA GLN B 5 -14.45 -18.91 11.14
C GLN B 5 -13.13 -19.27 11.81
N GLU B 6 -12.36 -18.25 12.17
CA GLU B 6 -11.03 -18.42 12.72
C GLU B 6 -11.03 -18.32 14.25
N SER B 7 -10.18 -19.11 14.89
CA SER B 7 -9.99 -19.00 16.33
C SER B 7 -9.39 -17.63 16.66
N GLY B 8 -9.78 -17.06 17.80
CA GLY B 8 -9.23 -15.80 18.28
C GLY B 8 -8.10 -16.00 19.28
N GLY B 9 -7.93 -15.02 20.14
CA GLY B 9 -6.89 -15.13 21.18
C GLY B 9 -5.53 -14.64 20.66
N GLY B 10 -4.60 -15.58 20.47
CA GLY B 10 -3.34 -15.27 19.82
C GLY B 10 -2.15 -14.92 20.72
N LEU B 11 -2.31 -14.97 22.05
CA LEU B 11 -1.19 -14.67 22.94
C LEU B 11 -0.30 -15.89 23.13
N VAL B 12 1.02 -15.70 23.00
CA VAL B 12 1.99 -16.77 23.17
C VAL B 12 3.32 -16.16 23.61
N GLN B 13 4.08 -16.92 24.41
CA GLN B 13 5.41 -16.50 24.81
C GLN B 13 6.43 -16.74 23.70
N VAL B 14 7.50 -15.95 23.70
CA VAL B 14 8.67 -16.26 22.89
C VAL B 14 9.12 -17.68 23.17
N GLY B 15 9.39 -18.45 22.11
CA GLY B 15 9.75 -19.83 22.22
C GLY B 15 8.58 -20.73 22.48
N GLY B 16 7.37 -20.18 22.61
CA GLY B 16 6.20 -20.97 22.91
C GLY B 16 5.60 -21.55 21.66
N SER B 17 4.48 -22.27 21.86
CA SER B 17 3.73 -22.93 20.80
C SER B 17 2.29 -22.43 20.82
N LEU B 18 1.73 -22.24 19.63
CA LEU B 18 0.37 -21.75 19.48
C LEU B 18 -0.32 -22.47 18.33
N ARG B 19 -1.59 -22.82 18.54
CA ARG B 19 -2.36 -23.50 17.51
C ARG B 19 -3.51 -22.64 17.02
N LEU B 20 -3.54 -22.40 15.72
CA LEU B 20 -4.59 -21.61 15.10
C LEU B 20 -5.50 -22.56 14.32
N SER B 21 -6.80 -22.33 14.38
CA SER B 21 -7.72 -23.21 13.66
C SER B 21 -8.76 -22.37 12.93
N CYS B 22 -9.40 -23.01 11.95
N CYS B 22 -9.22 -22.91 11.82
CA CYS B 22 -10.21 -22.29 10.98
CA CYS B 22 -10.28 -22.27 11.05
C CYS B 22 -11.30 -23.23 10.46
C CYS B 22 -11.31 -23.31 10.63
N LYS B 23 -12.56 -22.93 10.75
CA LYS B 23 -13.71 -23.77 10.40
C LYS B 23 -14.32 -23.31 9.09
N ALA B 24 -14.50 -24.24 8.16
CA ALA B 24 -15.18 -24.00 6.89
C ALA B 24 -16.54 -24.68 6.85
N SER B 25 -17.44 -24.10 6.06
CA SER B 25 -18.65 -24.82 5.70
C SER B 25 -18.27 -26.01 4.86
N GLY B 26 -17.43 -25.76 3.85
CA GLY B 26 -16.72 -26.80 3.17
C GLY B 26 -17.59 -27.72 2.33
N PHE B 27 -18.52 -27.14 1.56
CA PHE B 27 -19.32 -27.98 0.69
C PHE B 27 -18.46 -28.71 -0.33
N THR B 28 -17.32 -28.14 -0.70
CA THR B 28 -16.37 -28.86 -1.55
C THR B 28 -14.99 -28.92 -0.89
N PHE B 29 -14.98 -29.01 0.44
CA PHE B 29 -13.75 -28.91 1.24
C PHE B 29 -12.71 -29.94 0.81
N ARG B 30 -13.13 -31.17 0.53
CA ARG B 30 -12.17 -32.23 0.24
C ARG B 30 -11.35 -31.97 -1.03
N SER B 31 -11.83 -31.12 -1.95
CA SER B 31 -11.11 -30.81 -3.18
C SER B 31 -10.49 -29.43 -3.17
N SER B 32 -10.43 -28.78 -2.02
CA SER B 32 -9.91 -27.43 -1.91
C SER B 32 -8.44 -27.42 -1.53
N ALA B 33 -7.74 -26.39 -1.97
CA ALA B 33 -6.47 -26.01 -1.38
C ALA B 33 -6.75 -25.08 -0.21
N MET B 34 -5.82 -25.03 0.74
CA MET B 34 -6.05 -24.17 1.89
C MET B 34 -4.72 -23.74 2.49
N GLY B 35 -4.77 -22.69 3.31
CA GLY B 35 -3.53 -22.19 3.84
C GLY B 35 -3.70 -21.01 4.79
N TRP B 36 -2.56 -20.41 5.08
CA TRP B 36 -2.43 -19.33 6.04
C TRP B 36 -1.51 -18.26 5.47
N TYR B 37 -1.95 -17.02 5.56
CA TYR B 37 -1.14 -15.85 5.27
C TYR B 37 -1.05 -15.00 6.51
N ARG B 38 -0.07 -14.08 6.52
CA ARG B 38 0.02 -13.13 7.63
C ARG B 38 0.39 -11.76 7.11
N ARG B 39 0.03 -10.74 7.89
CA ARG B 39 0.43 -9.39 7.55
C ARG B 39 0.78 -8.66 8.83
N ALA B 40 1.92 -8.00 8.85
CA ALA B 40 2.31 -7.17 9.98
C ALA B 40 2.60 -5.76 9.49
N PRO B 41 2.51 -4.76 10.36
CA PRO B 41 2.91 -3.40 9.97
C PRO B 41 4.31 -3.35 9.38
N GLY B 42 4.42 -2.66 8.25
CA GLY B 42 5.70 -2.46 7.60
C GLY B 42 6.17 -3.61 6.72
N LYS B 43 5.30 -4.59 6.48
CA LYS B 43 5.63 -5.73 5.64
C LYS B 43 4.44 -6.04 4.73
N GLN B 44 4.74 -6.55 3.55
CA GLN B 44 3.66 -7.02 2.72
C GLN B 44 3.13 -8.36 3.26
N ARG B 45 1.93 -8.70 2.85
CA ARG B 45 1.33 -9.98 3.21
C ARG B 45 2.27 -11.10 2.77
N GLU B 46 2.44 -12.10 3.61
CA GLU B 46 3.33 -13.21 3.26
C GLU B 46 2.63 -14.53 3.51
N LEU B 47 2.90 -15.49 2.64
CA LEU B 47 2.39 -16.84 2.82
C LEU B 47 3.11 -17.50 3.98
N VAL B 48 2.34 -18.11 4.87
CA VAL B 48 2.90 -18.82 6.02
C VAL B 48 2.98 -20.31 5.75
N ALA B 49 1.87 -20.89 5.31
CA ALA B 49 1.80 -22.32 5.05
C ALA B 49 0.61 -22.59 4.15
N SER B 50 0.74 -23.59 3.28
CA SER B 50 -0.37 -23.94 2.42
C SER B 50 -0.32 -25.42 2.10
N LEU B 51 -1.49 -25.94 1.73
CA LEU B 51 -1.66 -27.30 1.23
C LEU B 51 -2.36 -27.22 -0.12
N THR B 52 -1.77 -27.86 -1.13
CA THR B 52 -2.40 -27.95 -2.44
C THR B 52 -3.53 -28.97 -2.42
N THR B 53 -4.29 -29.00 -3.53
CA THR B 53 -5.39 -29.95 -3.64
C THR B 53 -4.88 -31.37 -3.53
N THR B 54 -3.62 -31.62 -3.92
CA THR B 54 -3.02 -32.94 -3.83
C THR B 54 -2.07 -33.08 -2.64
N GLY B 55 -2.24 -32.27 -1.61
CA GLY B 55 -1.62 -32.49 -0.32
C GLY B 55 -0.16 -32.07 -0.18
N THR B 56 0.37 -31.26 -1.09
CA THR B 56 1.74 -30.79 -0.96
C THR B 56 1.78 -29.54 -0.11
N ALA B 57 2.67 -29.53 0.87
CA ALA B 57 2.78 -28.41 1.80
C ALA B 57 3.82 -27.42 1.30
N ASP B 58 3.51 -26.14 1.46
CA ASP B 58 4.50 -25.08 1.26
C ASP B 58 4.55 -24.27 2.54
N TYR B 59 5.73 -23.74 2.86
CA TYR B 59 5.94 -22.92 4.05
C TYR B 59 6.73 -21.67 3.69
N GLY B 60 6.37 -20.56 4.30
CA GLY B 60 7.17 -19.35 4.12
C GLY B 60 8.61 -19.59 4.54
N ASP B 61 9.52 -18.85 3.89
CA ASP B 61 10.95 -19.07 4.16
C ASP B 61 11.30 -18.86 5.62
N PHE B 62 10.61 -17.94 6.31
CA PHE B 62 10.82 -17.65 7.73
C PHE B 62 10.37 -18.76 8.67
N VAL B 63 9.67 -19.78 8.16
CA VAL B 63 9.17 -20.85 9.03
C VAL B 63 10.32 -21.71 9.54
N LYS B 64 11.19 -22.17 8.65
CA LYS B 64 12.41 -22.90 9.03
C LYS B 64 12.08 -24.07 9.95
N GLY B 65 11.11 -24.86 9.54
CA GLY B 65 10.74 -26.09 10.21
C GLY B 65 9.92 -25.96 11.47
N ARG B 66 9.48 -24.75 11.85
CA ARG B 66 8.87 -24.52 13.13
C ARG B 66 7.37 -24.74 13.15
N PHE B 67 6.70 -24.67 11.99
CA PHE B 67 5.24 -24.74 11.90
C PHE B 67 4.83 -25.95 11.09
N THR B 68 3.62 -26.44 11.36
CA THR B 68 2.99 -27.52 10.61
C THR B 68 1.56 -27.10 10.29
N ILE B 69 1.17 -27.24 9.02
CA ILE B 69 -0.21 -27.08 8.59
C ILE B 69 -0.84 -28.46 8.52
N SER B 70 -2.07 -28.56 8.97
CA SER B 70 -2.85 -29.78 8.83
C SER B 70 -4.29 -29.42 8.51
N ARG B 71 -5.06 -30.43 8.14
CA ARG B 71 -6.47 -30.23 7.86
C ARG B 71 -7.24 -31.42 8.39
N ASP B 72 -8.55 -31.21 8.54
CA ASP B 72 -9.48 -32.18 9.10
C ASP B 72 -10.72 -32.19 8.22
N ASN B 73 -10.87 -33.25 7.41
CA ASN B 73 -11.96 -33.35 6.45
C ASN B 73 -13.25 -33.85 7.08
N ALA B 74 -13.22 -34.25 8.35
CA ALA B 74 -14.41 -34.64 9.08
C ALA B 74 -15.03 -33.44 9.77
N GLU B 75 -14.19 -32.52 10.25
CA GLU B 75 -14.63 -31.29 10.88
C GLU B 75 -14.55 -30.08 9.95
N ASN B 76 -14.00 -30.23 8.76
CA ASN B 76 -13.81 -29.13 7.84
C ASN B 76 -13.04 -27.98 8.50
N THR B 77 -11.87 -28.31 9.05
CA THR B 77 -11.00 -27.29 9.61
C THR B 77 -9.63 -27.35 8.97
N VAL B 78 -8.98 -26.19 8.95
CA VAL B 78 -7.56 -26.11 8.59
C VAL B 78 -6.86 -25.50 9.79
N ASP B 79 -5.65 -25.96 10.03
CA ASP B 79 -4.99 -25.72 11.29
C ASP B 79 -3.54 -25.34 11.07
N LEU B 80 -3.05 -24.46 11.94
CA LEU B 80 -1.65 -24.06 11.90
C LEU B 80 -1.08 -24.27 13.30
N HIS B 81 -0.15 -25.21 13.38
CA HIS B 81 0.57 -25.56 14.60
C HIS B 81 1.91 -24.84 14.57
N MET B 82 2.08 -23.83 15.41
CA MET B 82 3.29 -23.01 15.43
C MET B 82 4.13 -23.32 16.67
N ASN B 83 5.42 -23.48 16.47
CA ASN B 83 6.37 -23.71 17.55
C ASN B 83 7.47 -22.69 17.50
N SER B 84 8.20 -22.55 18.61
CA SER B 84 9.42 -21.77 18.66
C SER B 84 9.16 -20.35 18.17
N LEU B 85 8.08 -19.76 18.66
CA LEU B 85 7.63 -18.49 18.13
C LEU B 85 8.58 -17.35 18.51
N LYS B 86 8.69 -16.40 17.59
CA LYS B 86 9.61 -15.27 17.68
C LYS B 86 8.83 -13.96 17.67
N PRO B 87 9.41 -12.87 18.17
CA PRO B 87 8.73 -11.56 18.03
C PRO B 87 8.35 -11.23 16.59
N GLU B 88 9.20 -11.59 15.62
CA GLU B 88 8.94 -11.34 14.21
C GLU B 88 7.75 -12.12 13.68
N ASP B 89 7.22 -13.06 14.44
CA ASP B 89 6.02 -13.78 14.05
C ASP B 89 4.74 -13.05 14.44
N THR B 90 4.86 -11.94 15.17
CA THR B 90 3.70 -11.15 15.55
C THR B 90 3.10 -10.54 14.30
N ALA B 91 1.82 -10.78 14.09
CA ALA B 91 1.15 -10.37 12.85
C ALA B 91 -0.31 -10.83 12.91
N VAL B 92 -1.11 -10.32 11.99
CA VAL B 92 -2.46 -10.86 11.80
C VAL B 92 -2.38 -12.02 10.84
N TYR B 93 -2.90 -13.15 11.27
CA TYR B 93 -2.87 -14.40 10.53
C TYR B 93 -4.25 -14.64 9.96
N TYR B 94 -4.32 -14.97 8.67
CA TYR B 94 -5.56 -15.26 7.99
C TYR B 94 -5.52 -16.66 7.39
N CYS B 95 -6.56 -17.45 7.65
CA CYS B 95 -6.73 -18.71 6.92
C CYS B 95 -7.49 -18.48 5.63
N HIS B 96 -7.36 -19.43 4.71
CA HIS B 96 -8.06 -19.35 3.44
C HIS B 96 -8.34 -20.73 2.91
N GLU B 97 -9.38 -20.82 2.08
CA GLU B 97 -9.75 -22.02 1.32
C GLU B 97 -9.91 -21.61 -0.14
N ASP B 98 -9.30 -22.38 -1.03
CA ASP B 98 -9.39 -22.16 -2.47
C ASP B 98 -10.14 -23.34 -3.07
N PRO B 99 -11.45 -23.21 -3.33
CA PRO B 99 -12.20 -24.27 -3.98
C PRO B 99 -11.53 -24.69 -5.28
N TYR B 100 -11.40 -25.99 -5.46
CA TYR B 100 -10.81 -26.61 -6.64
C TYR B 100 -9.34 -26.24 -6.81
N GLY B 101 -8.72 -25.65 -5.80
CA GLY B 101 -7.39 -25.14 -5.91
C GLY B 101 -7.30 -23.81 -6.62
N MET B 102 -8.43 -23.15 -6.85
CA MET B 102 -8.47 -21.87 -7.59
C MET B 102 -8.36 -20.67 -6.66
N GLU B 103 -7.20 -20.01 -6.70
CA GLU B 103 -7.02 -18.73 -6.01
C GLU B 103 -8.10 -17.71 -6.36
N SER B 104 -8.61 -17.76 -7.60
CA SER B 104 -9.64 -16.82 -8.01
C SER B 104 -10.94 -16.97 -7.23
N LEU B 105 -11.12 -18.09 -6.52
CA LEU B 105 -12.31 -18.36 -5.72
C LEU B 105 -12.06 -18.28 -4.22
N ARG B 106 -10.89 -17.82 -3.82
CA ARG B 106 -10.45 -17.86 -2.42
C ARG B 106 -11.47 -17.31 -1.44
N TYR B 107 -11.70 -18.07 -0.37
CA TYR B 107 -12.46 -17.70 0.81
C TYR B 107 -11.48 -17.41 1.94
N TRP B 108 -11.83 -16.47 2.82
CA TRP B 108 -10.92 -16.05 3.88
C TRP B 108 -11.58 -16.17 5.25
N GLY B 109 -10.74 -16.41 6.27
CA GLY B 109 -11.13 -16.15 7.64
C GLY B 109 -10.98 -14.67 7.98
N GLN B 110 -11.49 -14.29 9.15
CA GLN B 110 -11.58 -12.88 9.52
C GLN B 110 -10.23 -12.30 9.95
N GLY B 111 -9.28 -13.14 10.33
CA GLY B 111 -7.98 -12.69 10.81
C GLY B 111 -7.87 -12.62 12.31
N THR B 112 -6.70 -13.03 12.81
CA THR B 112 -6.43 -13.05 14.25
C THR B 112 -5.00 -12.56 14.48
N GLN B 113 -4.89 -11.56 15.34
CA GLN B 113 -3.60 -11.04 15.77
C GLN B 113 -2.93 -12.05 16.69
N VAL B 114 -1.77 -12.53 16.29
CA VAL B 114 -0.85 -13.29 17.14
C VAL B 114 0.15 -12.31 17.72
N THR B 115 0.28 -12.32 19.05
CA THR B 115 1.23 -11.46 19.72
C THR B 115 2.20 -12.35 20.47
N VAL B 116 3.49 -12.26 20.12
CA VAL B 116 4.51 -13.08 20.76
C VAL B 116 5.23 -12.21 21.77
N SER B 117 5.00 -12.47 23.07
CA SER B 117 5.66 -11.71 24.11
C SER B 117 5.40 -12.34 25.48
N SER B 118 6.14 -11.85 26.47
CA SER B 118 5.99 -12.28 27.86
C SER B 118 4.61 -11.94 28.44
N ALA B 119 3.82 -11.10 27.76
CA ALA B 119 2.48 -10.77 28.24
C ALA B 119 1.51 -11.95 28.20
N ALA B 120 1.85 -13.04 27.49
CA ALA B 120 0.97 -14.20 27.50
C ALA B 120 0.80 -14.76 28.90
N ALA B 121 1.77 -14.47 29.75
CA ALA B 121 1.77 -15.05 31.11
C ALA B 121 1.03 -14.09 32.10
N HIS B 122 0.09 -14.57 32.95
CA HIS B 122 -0.62 -13.66 33.90
C HIS B 122 0.46 -13.05 34.81
N VAL C 2 15.25 12.96 23.46
CA VAL C 2 14.70 12.60 22.16
C VAL C 2 13.48 13.47 21.89
N GLN C 3 13.39 14.01 20.68
CA GLN C 3 12.27 14.85 20.28
C GLN C 3 11.97 14.56 18.83
N LEU C 4 10.69 14.29 18.54
CA LEU C 4 10.23 14.08 17.18
C LEU C 4 10.05 15.42 16.49
N GLN C 5 9.78 15.38 15.18
CA GLN C 5 9.75 16.59 14.36
C GLN C 5 8.52 16.58 13.47
N GLU C 6 7.50 17.37 13.83
CA GLU C 6 6.31 17.53 13.01
C GLU C 6 6.59 18.39 11.80
N SER C 7 5.77 18.20 10.77
CA SER C 7 5.67 19.11 9.65
C SER C 7 4.23 19.12 9.16
N GLY C 8 3.87 20.17 8.40
CA GLY C 8 2.62 20.21 7.69
C GLY C 8 1.55 21.05 8.32
N GLY C 9 1.86 21.70 9.44
CA GLY C 9 0.92 22.62 10.04
C GLY C 9 0.89 23.91 9.24
N GLY C 10 0.07 24.82 9.71
CA GLY C 10 -0.02 26.14 9.15
C GLY C 10 -1.47 26.56 9.00
N LEU C 11 -1.72 27.44 8.05
CA LEU C 11 -3.03 27.97 7.79
C LEU C 11 -3.75 27.14 6.76
N VAL C 12 -5.03 26.89 6.99
CA VAL C 12 -5.81 26.10 6.05
C VAL C 12 -7.23 26.65 6.04
N GLN C 13 -7.85 26.63 4.87
CA GLN C 13 -9.22 27.11 4.76
C GLN C 13 -10.18 26.13 5.42
N VAL C 14 -11.33 26.66 5.83
CA VAL C 14 -12.40 25.81 6.35
C VAL C 14 -12.81 24.87 5.25
N GLY C 15 -12.88 23.59 5.57
CA GLY C 15 -13.22 22.56 4.62
C GLY C 15 -12.02 21.99 3.89
N GLY C 16 -10.82 22.55 4.12
CA GLY C 16 -9.63 22.13 3.42
C GLY C 16 -8.96 20.98 4.12
N SER C 17 -7.79 20.61 3.60
CA SER C 17 -7.09 19.40 3.96
C SER C 17 -5.61 19.69 4.20
N LEU C 18 -5.06 19.05 5.23
CA LEU C 18 -3.65 19.09 5.51
C LEU C 18 -3.15 17.65 5.61
N ARG C 19 -1.83 17.50 5.53
CA ARG C 19 -1.16 16.22 5.69
C ARG C 19 -0.03 16.49 6.67
N LEU C 20 -0.22 16.10 7.93
CA LEU C 20 0.84 16.23 8.92
C LEU C 20 1.76 15.04 8.83
N SER C 21 3.06 15.29 9.04
CA SER C 21 4.07 14.26 9.12
C SER C 21 4.88 14.41 10.39
N CYS C 22 5.46 13.31 10.83
CA CYS C 22 6.28 13.29 12.04
C CYS C 22 7.46 12.38 11.80
N LYS C 23 8.66 12.94 11.85
CA LYS C 23 9.89 12.16 11.79
C LYS C 23 10.18 11.61 13.17
N ALA C 24 10.18 10.30 13.30
CA ALA C 24 10.23 9.66 14.61
C ALA C 24 11.68 9.44 15.04
N SER C 25 11.86 8.57 16.05
CA SER C 25 13.17 8.42 16.70
C SER C 25 14.23 7.83 15.78
N GLY C 26 13.85 7.16 14.70
CA GLY C 26 14.79 6.56 13.79
C GLY C 26 14.94 5.06 13.97
N PHE C 27 14.27 4.48 14.95
CA PHE C 27 14.45 3.07 15.30
C PHE C 27 13.43 2.24 14.54
N THR C 28 13.87 1.62 13.47
CA THR C 28 13.07 0.60 12.79
C THR C 28 13.31 -0.79 13.36
N PHE C 29 14.25 -0.94 14.29
CA PHE C 29 14.59 -2.23 14.89
C PHE C 29 13.87 -2.47 16.22
N ARG C 30 12.77 -1.76 16.48
CA ARG C 30 11.95 -2.10 17.64
C ARG C 30 10.59 -1.44 17.50
N SER C 31 9.56 -2.20 17.86
CA SER C 31 8.19 -1.79 17.65
C SER C 31 7.85 -0.58 18.50
N SER C 32 6.87 0.18 18.02
CA SER C 32 6.39 1.29 18.82
C SER C 32 4.96 1.60 18.43
N ALA C 33 4.26 2.24 19.35
CA ALA C 33 3.03 2.92 19.00
C ALA C 33 3.36 4.35 18.61
N MET C 34 2.57 4.92 17.71
CA MET C 34 2.77 6.29 17.26
C MET C 34 1.41 6.94 17.05
N GLY C 35 1.34 8.24 17.26
CA GLY C 35 0.07 8.89 17.12
C GLY C 35 0.17 10.39 17.21
N TRP C 36 -1.00 10.99 17.31
CA TRP C 36 -1.17 12.44 17.26
C TRP C 36 -2.14 12.86 18.35
N TYR C 37 -1.74 13.83 19.15
CA TYR C 37 -2.62 14.53 20.06
C TYR C 37 -2.75 15.96 19.58
N ARG C 38 -3.69 16.67 20.14
CA ARG C 38 -3.75 18.11 19.93
C ARG C 38 -4.07 18.79 21.24
N ARG C 39 -3.67 20.05 21.33
CA ARG C 39 -4.05 20.85 22.49
C ARG C 39 -4.24 22.26 22.01
N ALA C 40 -5.44 22.77 22.19
CA ALA C 40 -5.69 24.17 21.96
C ALA C 40 -5.26 24.97 23.19
N PRO C 41 -4.67 26.14 23.00
CA PRO C 41 -4.26 26.96 24.17
C PRO C 41 -5.41 27.08 25.16
N GLY C 42 -5.12 26.81 26.43
CA GLY C 42 -6.10 26.90 27.48
C GLY C 42 -7.02 25.71 27.62
N LYS C 43 -6.81 24.66 26.85
CA LYS C 43 -7.64 23.47 26.89
C LYS C 43 -6.78 22.26 27.24
N GLN C 44 -7.44 21.16 27.54
CA GLN C 44 -6.74 19.92 27.82
C GLN C 44 -6.41 19.19 26.52
N ARG C 45 -5.30 18.47 26.54
CA ARG C 45 -4.89 17.66 25.40
C ARG C 45 -5.91 16.58 25.09
N GLU C 46 -6.10 16.27 23.82
CA GLU C 46 -6.99 15.19 23.42
C GLU C 46 -6.35 14.37 22.33
N LEU C 47 -6.57 13.06 22.41
CA LEU C 47 -6.11 12.13 21.40
C LEU C 47 -6.82 12.40 20.10
N VAL C 48 -6.05 12.52 19.02
CA VAL C 48 -6.62 12.66 17.70
C VAL C 48 -6.62 11.33 16.95
N ALA C 49 -5.48 10.67 16.89
CA ALA C 49 -5.36 9.39 16.20
C ALA C 49 -4.12 8.67 16.72
N SER C 50 -4.20 7.35 16.79
CA SER C 50 -3.04 6.60 17.21
C SER C 50 -3.04 5.23 16.56
N LEU C 51 -1.83 4.68 16.46
CA LEU C 51 -1.58 3.32 15.98
C LEU C 51 -0.80 2.55 17.05
N THR C 52 -1.31 1.38 17.44
CA THR C 52 -0.58 0.54 18.37
C THR C 52 0.65 -0.06 17.66
N THR C 53 1.47 -0.78 18.45
CA THR C 53 2.60 -1.52 17.88
C THR C 53 2.13 -2.46 16.76
N THR C 54 0.90 -2.92 16.83
CA THR C 54 0.35 -3.86 15.86
C THR C 54 -0.49 -3.19 14.77
N GLY C 55 -0.53 -1.86 14.73
CA GLY C 55 -1.19 -1.18 13.66
C GLY C 55 -2.67 -0.99 13.87
N THR C 56 -3.15 -1.16 15.12
CA THR C 56 -4.53 -0.90 15.48
C THR C 56 -4.76 0.60 15.59
N ALA C 57 -5.75 1.09 14.86
CA ALA C 57 -6.02 2.52 14.79
C ALA C 57 -7.13 2.91 15.76
N ASP C 58 -6.94 4.05 16.41
CA ASP C 58 -7.99 4.65 17.22
C ASP C 58 -8.04 6.13 16.87
N TYR C 59 -9.26 6.70 16.85
CA TYR C 59 -9.48 8.08 16.50
C TYR C 59 -10.31 8.77 17.57
N GLY C 60 -9.97 10.03 17.87
CA GLY C 60 -10.82 10.82 18.73
C GLY C 60 -12.23 10.91 18.22
N ASP C 61 -13.19 11.07 19.14
CA ASP C 61 -14.59 11.04 18.74
C ASP C 61 -14.96 12.18 17.79
N PHE C 62 -14.26 13.31 17.89
CA PHE C 62 -14.50 14.46 17.04
C PHE C 62 -14.02 14.27 15.62
N VAL C 63 -13.28 13.20 15.34
CA VAL C 63 -12.72 13.02 13.99
C VAL C 63 -13.83 12.67 13.01
N LYS C 64 -14.74 11.77 13.39
CA LYS C 64 -15.93 11.44 12.59
C LYS C 64 -15.59 11.14 11.14
N GLY C 65 -14.58 10.29 10.95
CA GLY C 65 -14.18 9.83 9.63
C GLY C 65 -13.38 10.80 8.79
N ARG C 66 -13.05 11.98 9.28
CA ARG C 66 -12.43 12.97 8.43
C ARG C 66 -10.91 12.82 8.29
N PHE C 67 -10.26 12.13 9.23
CA PHE C 67 -8.80 12.03 9.27
C PHE C 67 -8.40 10.57 9.13
N THR C 68 -7.20 10.33 8.59
CA THR C 68 -6.64 8.99 8.48
C THR C 68 -5.20 9.00 8.98
N ILE C 69 -4.87 8.07 9.85
CA ILE C 69 -3.49 7.95 10.33
C ILE C 69 -2.82 6.84 9.56
N SER C 70 -1.54 7.02 9.26
CA SER C 70 -0.75 5.97 8.64
C SER C 70 0.70 6.13 9.10
N ARG C 71 1.47 5.06 8.92
CA ARG C 71 2.88 5.09 9.30
C ARG C 71 3.67 4.52 8.15
N ASP C 72 4.85 5.10 7.92
CA ASP C 72 5.75 4.63 6.88
C ASP C 72 6.98 4.11 7.60
N ASN C 73 7.01 2.80 7.85
CA ASN C 73 8.05 2.21 8.66
C ASN C 73 9.42 2.31 7.99
N ALA C 74 9.44 2.51 6.67
CA ALA C 74 10.69 2.68 5.95
C ALA C 74 11.19 4.13 6.05
N GLU C 75 10.29 5.10 5.86
CA GLU C 75 10.63 6.51 5.94
C GLU C 75 10.68 7.04 7.38
N ASN C 76 10.42 6.18 8.37
CA ASN C 76 10.44 6.57 9.78
C ASN C 76 9.44 7.68 10.12
N THR C 77 8.20 7.53 9.66
CA THR C 77 7.23 8.60 9.89
C THR C 77 5.89 8.05 10.32
N VAL C 78 5.15 8.88 11.05
CA VAL C 78 3.72 8.72 11.20
C VAL C 78 3.07 9.95 10.58
N ASP C 79 1.97 9.73 9.84
CA ASP C 79 1.31 10.76 9.06
C ASP C 79 -0.14 10.88 9.50
N LEU C 80 -0.69 12.08 9.37
CA LEU C 80 -2.10 12.32 9.64
C LEU C 80 -2.70 13.11 8.49
N HIS C 81 -3.55 12.45 7.72
CA HIS C 81 -4.24 13.10 6.61
C HIS C 81 -5.56 13.64 7.13
N MET C 82 -5.72 14.96 7.10
CA MET C 82 -6.87 15.63 7.70
C MET C 82 -7.69 16.31 6.61
N ASN C 83 -8.93 15.88 6.45
CA ASN C 83 -9.88 16.48 5.51
C ASN C 83 -10.97 17.22 6.28
N SER C 84 -11.68 18.08 5.57
CA SER C 84 -12.86 18.76 6.09
C SER C 84 -12.56 19.47 7.40
N LEU C 85 -11.47 20.23 7.41
CA LEU C 85 -11.04 20.88 8.64
C LEU C 85 -12.01 22.01 9.02
N LYS C 86 -12.26 22.13 10.31
CA LYS C 86 -13.25 23.04 10.89
C LYS C 86 -12.57 23.97 11.88
N PRO C 87 -13.17 25.13 12.18
CA PRO C 87 -12.57 26.02 13.18
C PRO C 87 -12.23 25.31 14.49
N GLU C 88 -13.06 24.37 14.91
CA GLU C 88 -12.90 23.64 16.17
C GLU C 88 -11.66 22.75 16.17
N ASP C 89 -11.05 22.54 15.01
CA ASP C 89 -9.83 21.76 14.87
C ASP C 89 -8.57 22.60 15.10
N THR C 90 -8.69 23.92 15.21
CA THR C 90 -7.51 24.76 15.49
C THR C 90 -6.88 24.40 16.82
N ALA C 91 -5.57 24.16 16.80
CA ALA C 91 -4.83 23.66 17.95
C ALA C 91 -3.38 23.43 17.54
N VAL C 92 -2.54 23.17 18.54
CA VAL C 92 -1.21 22.64 18.31
C VAL C 92 -1.33 21.12 18.24
N TYR C 93 -0.81 20.54 17.17
CA TYR C 93 -0.80 19.09 16.99
C TYR C 93 0.57 18.57 17.36
N TYR C 94 0.60 17.52 18.19
CA TYR C 94 1.84 16.89 18.68
C TYR C 94 1.85 15.43 18.26
N CYS C 95 2.94 14.98 17.67
CA CYS C 95 3.08 13.55 17.45
C CYS C 95 3.77 12.91 18.63
N HIS C 96 3.57 11.62 18.79
CA HIS C 96 4.25 10.88 19.85
C HIS C 96 4.68 9.53 19.35
N GLU C 97 5.69 8.97 20.02
CA GLU C 97 6.13 7.60 19.76
C GLU C 97 6.33 6.93 21.10
N ASP C 98 5.76 5.74 21.25
CA ASP C 98 5.82 5.00 22.50
C ASP C 98 6.62 3.74 22.26
N PRO C 99 7.90 3.71 22.62
CA PRO C 99 8.70 2.50 22.46
C PRO C 99 8.01 1.29 23.09
N TYR C 100 7.91 0.23 22.32
CA TYR C 100 7.31 -1.03 22.77
C TYR C 100 5.83 -0.89 23.12
N GLY C 101 5.21 0.23 22.73
CA GLY C 101 3.86 0.53 23.13
C GLY C 101 3.72 1.09 24.53
N MET C 102 4.84 1.40 25.20
N MET C 102 4.84 1.42 25.19
CA MET C 102 4.81 1.85 26.59
CA MET C 102 4.82 1.86 26.58
C MET C 102 4.72 3.38 26.63
C MET C 102 4.72 3.39 26.63
N GLU C 103 3.55 3.88 27.04
CA GLU C 103 3.36 5.31 27.22
C GLU C 103 4.35 5.88 28.24
N SER C 104 4.84 5.05 29.14
CA SER C 104 5.79 5.54 30.14
C SER C 104 7.09 6.01 29.50
N LEU C 105 7.39 5.54 28.28
CA LEU C 105 8.60 5.88 27.57
C LEU C 105 8.34 6.84 26.42
N ARG C 106 7.17 7.50 26.43
CA ARG C 106 6.69 8.30 25.31
C ARG C 106 7.68 9.39 24.93
N TYR C 107 7.96 9.50 23.64
CA TYR C 107 8.63 10.64 23.06
C TYR C 107 7.58 11.54 22.43
N TRP C 108 7.74 12.84 22.65
CA TRP C 108 6.81 13.82 22.12
C TRP C 108 7.46 14.71 21.08
N GLY C 109 6.64 15.27 20.20
CA GLY C 109 7.12 16.20 19.20
C GLY C 109 7.13 17.62 19.78
N GLN C 110 7.56 18.58 18.98
CA GLN C 110 7.60 19.95 19.47
C GLN C 110 6.29 20.68 19.17
N GLY C 111 5.41 20.02 18.43
CA GLY C 111 4.13 20.59 18.09
C GLY C 111 4.16 21.44 16.84
N THR C 112 3.10 21.38 16.05
CA THR C 112 2.91 22.27 14.92
C THR C 112 1.50 22.84 14.94
N GLN C 113 1.42 24.17 14.86
CA GLN C 113 0.14 24.87 14.87
C GLN C 113 -0.66 24.57 13.59
N VAL C 114 -1.93 24.24 13.77
CA VAL C 114 -2.91 24.13 12.69
C VAL C 114 -3.98 25.17 12.99
N THR C 115 -4.16 26.12 12.07
CA THR C 115 -5.15 27.18 12.23
C THR C 115 -6.12 27.14 11.06
N VAL C 116 -7.38 26.89 11.35
CA VAL C 116 -8.40 26.77 10.32
C VAL C 116 -9.13 28.11 10.23
N SER C 117 -9.04 28.76 9.07
CA SER C 117 -9.49 30.14 8.91
C SER C 117 -10.30 30.30 7.65
N SER C 118 -11.46 30.96 7.76
CA SER C 118 -12.27 31.26 6.58
C SER C 118 -11.49 32.11 5.58
N ALA C 119 -10.63 32.98 6.07
CA ALA C 119 -9.89 33.91 5.22
C ALA C 119 -8.72 33.26 4.50
N ALA C 120 -8.37 32.02 4.84
CA ALA C 120 -7.33 31.34 4.09
C ALA C 120 -7.82 30.98 2.70
N ALA C 121 -9.13 31.04 2.47
CA ALA C 121 -9.70 30.65 1.18
C ALA C 121 -9.26 31.59 0.06
N VAL D 2 -13.14 22.89 -14.37
CA VAL D 2 -12.51 21.72 -13.76
C VAL D 2 -11.35 22.18 -12.85
N GLN D 3 -11.32 21.64 -11.66
CA GLN D 3 -10.30 22.03 -10.69
C GLN D 3 -9.70 20.81 -9.91
N LEU D 4 -8.38 20.83 -9.60
CA LEU D 4 -7.70 19.77 -8.79
C LEU D 4 -7.80 20.25 -7.29
N GLN D 5 -7.91 19.33 -6.31
CA GLN D 5 -8.02 19.63 -4.84
C GLN D 5 -6.67 19.30 -4.22
N GLU D 6 -5.92 20.33 -3.88
CA GLU D 6 -4.62 20.13 -3.26
C GLU D 6 -4.80 19.89 -1.77
N SER D 7 -4.03 18.94 -1.26
CA SER D 7 -4.01 18.61 0.16
C SER D 7 -2.56 18.68 0.65
N GLY D 8 -2.37 19.26 1.82
CA GLY D 8 -1.04 19.30 2.41
C GLY D 8 -0.32 20.60 2.14
N GLY D 9 0.97 20.59 2.45
CA GLY D 9 1.76 21.80 2.47
C GLY D 9 1.95 22.30 3.89
N GLY D 10 2.31 23.57 3.98
CA GLY D 10 2.43 24.20 5.26
C GLY D 10 3.88 24.32 5.67
N LEU D 11 4.07 24.31 6.97
CA LEU D 11 5.35 24.60 7.60
C LEU D 11 6.15 23.33 7.80
N VAL D 12 7.45 23.43 7.53
CA VAL D 12 8.37 22.32 7.64
C VAL D 12 9.74 22.88 7.99
N GLN D 13 10.47 22.15 8.84
CA GLN D 13 11.80 22.59 9.19
C GLN D 13 12.78 22.37 8.04
N VAL D 14 13.87 23.16 8.05
CA VAL D 14 14.99 22.86 7.18
C VAL D 14 15.46 21.45 7.43
N GLY D 15 15.69 20.71 6.36
CA GLY D 15 15.99 19.29 6.43
C GLY D 15 14.80 18.40 6.67
N GLY D 16 13.60 18.96 6.85
CA GLY D 16 12.41 18.19 7.11
C GLY D 16 11.80 17.62 5.84
N SER D 17 10.68 16.92 6.05
CA SER D 17 9.95 16.24 5.00
C SER D 17 8.49 16.68 5.03
N LEU D 18 7.85 16.65 3.87
CA LEU D 18 6.46 17.08 3.72
C LEU D 18 5.84 16.27 2.59
N ARG D 19 4.56 15.93 2.71
CA ARG D 19 3.86 15.22 1.65
C ARG D 19 2.71 16.08 1.14
N LEU D 20 2.71 16.36 -0.15
CA LEU D 20 1.61 17.05 -0.81
C LEU D 20 0.78 16.05 -1.59
N SER D 21 -0.53 16.34 -1.67
CA SER D 21 -1.48 15.49 -2.37
C SER D 21 -2.38 16.33 -3.25
N CYS D 22 -2.88 15.70 -4.31
CA CYS D 22 -3.71 16.41 -5.28
C CYS D 22 -4.73 15.41 -5.82
N LYS D 23 -6.01 15.72 -5.60
CA LYS D 23 -7.11 14.83 -5.96
C LYS D 23 -7.83 15.35 -7.20
N ALA D 24 -8.06 14.46 -8.15
CA ALA D 24 -8.85 14.75 -9.33
C ALA D 24 -10.18 14.00 -9.27
N SER D 25 -11.09 14.38 -10.17
CA SER D 25 -12.43 13.81 -10.16
C SER D 25 -12.43 12.37 -10.62
N ARG D 30 -7.14 8.40 -14.95
CA ARG D 30 -6.39 7.19 -15.26
C ARG D 30 -5.59 7.29 -16.55
N SER D 31 -5.91 8.25 -17.43
CA SER D 31 -5.22 8.38 -18.70
C SER D 31 -4.40 9.66 -18.83
N SER D 32 -4.10 10.34 -17.74
CA SER D 32 -3.55 11.68 -17.80
C SER D 32 -2.10 11.72 -17.35
N ALA D 33 -1.41 12.77 -17.78
CA ALA D 33 -0.15 13.16 -17.16
C ALA D 33 -0.45 14.05 -15.97
N MET D 34 0.35 13.96 -14.93
CA MET D 34 0.08 14.74 -13.73
C MET D 34 1.42 15.18 -13.17
N GLY D 35 1.39 16.27 -12.40
CA GLY D 35 2.65 16.80 -11.95
C GLY D 35 2.47 17.97 -11.02
N TRP D 36 3.61 18.57 -10.68
CA TRP D 36 3.71 19.67 -9.76
C TRP D 36 4.66 20.71 -10.32
N TYR D 37 4.25 21.97 -10.29
CA TYR D 37 5.08 23.12 -10.53
C TYR D 37 5.19 23.93 -9.25
N ARG D 38 6.15 24.84 -9.22
CA ARG D 38 6.18 25.77 -8.11
C ARG D 38 6.54 27.16 -8.61
N ARG D 39 6.21 28.14 -7.79
CA ARG D 39 6.56 29.53 -8.08
C ARG D 39 6.91 30.18 -6.75
N ALA D 40 8.19 30.45 -6.55
CA ALA D 40 8.63 31.28 -5.44
C ALA D 40 8.39 32.73 -5.83
N GLN D 44 10.77 32.67 -11.58
CA GLN D 44 10.00 32.03 -12.64
C GLN D 44 9.45 30.67 -12.20
N ARG D 45 8.23 30.39 -12.62
CA ARG D 45 7.62 29.09 -12.38
C ARG D 45 8.54 27.99 -12.89
N GLU D 46 8.58 26.87 -12.17
CA GLU D 46 9.46 25.79 -12.58
C GLU D 46 8.80 24.44 -12.30
N LEU D 47 9.06 23.49 -13.18
CA LEU D 47 8.62 22.13 -12.99
C LEU D 47 9.30 21.54 -11.76
N VAL D 48 8.52 20.91 -10.89
CA VAL D 48 9.06 20.16 -9.76
C VAL D 48 9.15 18.67 -10.09
N ALA D 49 8.01 18.06 -10.45
CA ALA D 49 7.98 16.64 -10.76
C ALA D 49 6.77 16.36 -11.64
N SER D 50 6.89 15.33 -12.47
CA SER D 50 5.76 14.96 -13.31
C SER D 50 5.85 13.50 -13.68
N LEU D 51 4.68 12.94 -14.00
CA LEU D 51 4.53 11.59 -14.50
C LEU D 51 3.77 11.65 -15.82
N THR D 52 4.29 10.98 -16.84
CA THR D 52 3.59 10.84 -18.11
C THR D 52 2.41 9.87 -17.97
N THR D 53 1.63 9.75 -19.04
CA THR D 53 0.45 8.88 -19.00
C THR D 53 0.79 7.44 -18.66
N THR D 54 1.99 7.00 -19.03
CA THR D 54 2.41 5.63 -18.78
C THR D 54 3.37 5.48 -17.60
N GLY D 55 3.77 6.57 -16.97
CA GLY D 55 4.53 6.49 -15.75
C GLY D 55 6.01 6.86 -15.82
N THR D 56 6.46 7.58 -16.84
CA THR D 56 7.81 8.13 -16.87
C THR D 56 7.88 9.38 -15.99
N ALA D 57 8.82 9.40 -15.06
CA ALA D 57 8.94 10.52 -14.13
C ALA D 57 9.97 11.52 -14.62
N ASP D 58 9.71 12.80 -14.36
CA ASP D 58 10.70 13.85 -14.56
C ASP D 58 10.73 14.70 -13.30
N TYR D 59 11.90 15.23 -12.98
CA TYR D 59 12.11 16.04 -11.79
C TYR D 59 12.92 17.28 -12.13
N GLY D 60 12.54 18.41 -11.54
CA GLY D 60 13.35 19.62 -11.68
C GLY D 60 14.80 19.36 -11.31
N ASP D 61 15.72 20.10 -11.93
CA ASP D 61 17.13 19.86 -11.67
C ASP D 61 17.48 20.08 -10.19
N PHE D 62 16.73 20.92 -9.50
CA PHE D 62 16.99 21.24 -8.09
C PHE D 62 16.54 20.14 -7.15
N VAL D 63 15.76 19.17 -7.63
CA VAL D 63 15.27 18.11 -6.75
C VAL D 63 16.43 17.27 -6.22
N LYS D 64 17.30 16.80 -7.12
CA LYS D 64 18.53 16.10 -6.70
C LYS D 64 18.23 14.86 -5.85
N GLY D 65 17.23 14.08 -6.27
CA GLY D 65 16.85 12.86 -5.59
C GLY D 65 16.07 13.07 -4.31
N ARG D 66 15.77 14.29 -3.94
CA ARG D 66 15.13 14.54 -2.65
C ARG D 66 13.63 14.29 -2.65
N PHE D 67 12.96 14.37 -3.81
CA PHE D 67 11.52 14.26 -3.88
C PHE D 67 11.14 13.04 -4.71
N THR D 68 9.97 12.48 -4.42
CA THR D 68 9.39 11.39 -5.21
C THR D 68 7.95 11.73 -5.56
N ILE D 69 7.60 11.55 -6.82
CA ILE D 69 6.21 11.69 -7.26
C ILE D 69 5.63 10.31 -7.47
N SER D 70 4.37 10.14 -7.08
CA SER D 70 3.70 8.86 -7.23
C SER D 70 2.22 9.07 -7.41
N ARG D 71 1.58 8.07 -8.01
CA ARG D 71 0.13 8.06 -8.20
C ARG D 71 -0.46 6.70 -7.86
N ASP D 72 0.24 5.87 -7.10
CA ASP D 72 -0.25 4.53 -6.78
C ASP D 72 -0.53 4.36 -5.29
N ASN D 73 -0.58 5.46 -4.53
CA ASN D 73 -0.91 5.39 -3.11
C ASN D 73 -2.40 5.50 -2.85
N ALA D 74 -3.16 6.18 -3.72
CA ALA D 74 -4.57 6.39 -3.51
C ALA D 74 -5.28 6.56 -4.84
N GLU D 75 -6.58 6.32 -4.82
CA GLU D 75 -7.40 6.39 -6.02
C GLU D 75 -7.54 7.85 -6.47
N ASN D 76 -7.16 8.15 -7.71
CA ASN D 76 -7.40 9.46 -8.31
C ASN D 76 -6.62 10.58 -7.63
N THR D 77 -5.40 10.32 -7.18
CA THR D 77 -4.60 11.34 -6.53
C THR D 77 -3.16 11.21 -7.00
N VAL D 78 -2.46 12.34 -7.07
CA VAL D 78 -1.03 12.36 -7.30
C VAL D 78 -0.40 12.96 -6.06
N ASP D 79 0.75 12.44 -5.69
CA ASP D 79 1.35 12.89 -4.44
C ASP D 79 2.84 13.15 -4.65
N LEU D 80 3.33 14.07 -3.84
CA LEU D 80 4.71 14.52 -3.90
C LEU D 80 5.26 14.41 -2.48
N HIS D 81 6.21 13.52 -2.30
CA HIS D 81 6.92 13.37 -1.03
CA HIS D 81 6.92 13.39 -1.02
C HIS D 81 8.21 14.17 -1.13
N MET D 82 8.36 15.17 -0.28
CA MET D 82 9.52 16.03 -0.29
C MET D 82 10.33 15.74 0.95
N ASN D 83 11.64 15.58 0.75
CA ASN D 83 12.56 15.36 1.85
C ASN D 83 13.70 16.37 1.76
N SER D 84 14.41 16.52 2.88
CA SER D 84 15.62 17.33 2.92
C SER D 84 15.35 18.74 2.38
N LEU D 85 14.28 19.36 2.88
CA LEU D 85 13.83 20.65 2.36
C LEU D 85 14.76 21.80 2.79
N LYS D 86 14.83 22.81 1.94
CA LYS D 86 15.76 23.94 2.04
C LYS D 86 14.99 25.24 1.97
N PRO D 87 15.57 26.34 2.44
CA PRO D 87 14.87 27.63 2.30
C PRO D 87 14.48 27.95 0.87
N GLU D 88 15.33 27.57 -0.10
CA GLU D 88 15.08 27.77 -1.51
C GLU D 88 13.85 27.01 -2.01
N ASP D 89 13.37 26.04 -1.24
CA ASP D 89 12.18 25.30 -1.63
C ASP D 89 10.89 25.99 -1.21
N THR D 90 10.96 27.07 -0.43
CA THR D 90 9.78 27.81 -0.06
C THR D 90 9.15 28.40 -1.30
N ALA D 91 7.85 28.14 -1.49
CA ALA D 91 7.18 28.51 -2.74
C ALA D 91 5.72 28.09 -2.67
N VAL D 92 4.93 28.57 -3.64
CA VAL D 92 3.59 28.02 -3.85
C VAL D 92 3.69 26.84 -4.81
N TYR D 93 3.17 25.69 -4.39
CA TYR D 93 3.22 24.49 -5.21
C TYR D 93 1.86 24.24 -5.86
N TYR D 94 1.88 24.00 -7.17
CA TYR D 94 0.66 23.81 -7.96
C TYR D 94 0.68 22.44 -8.60
N CYS D 95 -0.34 21.63 -8.32
CA CYS D 95 -0.52 20.40 -9.08
C CYS D 95 -1.29 20.67 -10.36
N HIS D 96 -1.08 19.78 -11.34
CA HIS D 96 -1.73 19.86 -12.63
C HIS D 96 -2.05 18.46 -13.13
N GLU D 97 -3.07 18.39 -13.99
CA GLU D 97 -3.44 17.17 -14.70
C GLU D 97 -3.55 17.53 -16.17
N ASP D 98 -2.93 16.70 -17.02
CA ASP D 98 -3.04 16.86 -18.47
C ASP D 98 -3.83 15.69 -19.02
N PRO D 99 -5.13 15.83 -19.28
CA PRO D 99 -5.89 14.69 -19.81
C PRO D 99 -5.25 14.17 -21.08
N TYR D 100 -5.06 12.86 -21.11
CA TYR D 100 -4.54 12.17 -22.26
C TYR D 100 -3.08 12.51 -22.52
N GLY D 101 -2.42 13.17 -21.57
CA GLY D 101 -1.09 13.67 -21.79
C GLY D 101 -1.04 14.95 -22.58
N MET D 102 -2.17 15.58 -22.85
CA MET D 102 -2.19 16.79 -23.67
C MET D 102 -2.07 18.03 -22.79
N GLU D 103 -0.90 18.66 -22.84
CA GLU D 103 -0.69 19.90 -22.12
C GLU D 103 -1.69 20.97 -22.53
N SER D 104 -2.20 20.90 -23.76
CA SER D 104 -3.20 21.86 -24.18
C SER D 104 -4.49 21.77 -23.38
N LEU D 105 -4.72 20.68 -22.65
CA LEU D 105 -5.92 20.54 -21.85
C LEU D 105 -5.64 20.66 -20.36
N ARG D 106 -4.47 21.16 -20.02
CA ARG D 106 -4.03 21.17 -18.63
C ARG D 106 -5.02 21.86 -17.72
N TYR D 107 -5.26 21.30 -16.56
N TYR D 107 -5.32 21.19 -16.60
CA TYR D 107 -5.92 22.08 -15.55
CA TYR D 107 -6.03 21.68 -15.42
C TYR D 107 -5.22 21.86 -14.22
C TYR D 107 -5.03 22.02 -14.32
N TRP D 108 -5.48 22.81 -13.34
CA TRP D 108 -4.64 23.13 -12.21
C TRP D 108 -5.40 23.00 -10.90
N GLY D 109 -4.64 22.81 -9.84
CA GLY D 109 -5.13 23.04 -8.50
C GLY D 109 -4.91 24.48 -8.12
N GLN D 110 -5.39 24.83 -6.94
CA GLN D 110 -5.34 26.21 -6.50
C GLN D 110 -3.97 26.64 -5.97
N GLY D 111 -3.08 25.71 -5.65
CA GLY D 111 -1.79 26.11 -5.12
C GLY D 111 -1.75 25.98 -3.61
N THR D 112 -0.61 25.51 -3.09
CA THR D 112 -0.44 25.37 -1.64
C THR D 112 0.93 25.91 -1.28
N GLN D 113 0.95 26.81 -0.31
CA GLN D 113 2.21 27.36 0.18
C GLN D 113 2.96 26.30 0.98
N VAL D 114 4.24 26.12 0.68
CA VAL D 114 5.15 25.43 1.60
C VAL D 114 6.20 26.43 2.07
N THR D 115 6.38 26.47 3.37
CA THR D 115 7.27 27.43 4.00
C THR D 115 8.29 26.65 4.81
N VAL D 116 9.56 26.75 4.41
CA VAL D 116 10.64 26.01 5.07
C VAL D 116 11.26 26.96 6.09
N SER D 117 11.12 26.64 7.37
CA SER D 117 11.55 27.57 8.40
C SER D 117 11.49 26.89 9.76
N SER D 118 12.30 27.39 10.69
CA SER D 118 12.25 26.93 12.07
C SER D 118 10.91 27.20 12.75
N ALA D 119 10.06 28.05 12.16
CA ALA D 119 8.74 28.32 12.69
C ALA D 119 7.80 27.12 12.64
N ALA D 120 8.18 26.04 11.97
CA ALA D 120 7.36 24.83 11.97
C ALA D 120 7.19 24.27 13.38
N ALA D 121 8.18 24.51 14.22
CA ALA D 121 8.12 23.96 15.59
C ALA D 121 7.35 24.97 16.48
N HIS D 122 6.27 24.57 17.21
CA HIS D 122 5.49 25.53 18.04
C HIS D 122 6.44 26.04 19.15
#